data_3HDG
#
_entry.id   3HDG
#
_cell.length_a   48.331
_cell.length_b   77.059
_cell.length_c   75.087
_cell.angle_alpha   90.00
_cell.angle_beta   102.67
_cell.angle_gamma   90.00
#
_symmetry.space_group_name_H-M   'P 1 21 1'
#
loop_
_entity.id
_entity.type
_entity.pdbx_description
1 polymer 'uncharacterized protein'
2 non-polymer 'MAGNESIUM ION'
3 water water
#
_entity_poly.entity_id   1
_entity_poly.type   'polypeptide(L)'
_entity_poly.pdbx_seq_one_letter_code
;(MSE)SLREVALKILIVEDDTDAREWLSTIISNHFPEVWSAGDGEEGERLFGLHAPDVIITDIR(MSE)PKLGGLE
(MSE)LDRIKAGGAKPYVIVISAFSE(MSE)KYFIKAIELGVHLFLPKPIEPGRL(MSE)ETLEDFRHIKLAKEGHHHHH
H
;
_entity_poly.pdbx_strand_id   A,B,D,E
#
# COMPACT_ATOMS: atom_id res chain seq x y z
N ALA A 7 25.38 -15.03 -3.47
CA ALA A 7 24.84 -15.67 -4.72
C ALA A 7 23.43 -15.15 -5.05
N LEU A 8 23.05 -14.04 -4.42
CA LEU A 8 21.73 -13.43 -4.62
C LEU A 8 21.71 -12.51 -5.83
N LYS A 9 21.04 -12.93 -6.90
CA LYS A 9 20.98 -12.10 -8.11
C LYS A 9 19.87 -11.07 -8.00
N ILE A 10 20.23 -9.83 -8.25
CA ILE A 10 19.32 -8.70 -8.12
C ILE A 10 19.12 -7.92 -9.42
N LEU A 11 17.87 -7.60 -9.72
CA LEU A 11 17.52 -6.83 -10.91
C LEU A 11 16.86 -5.53 -10.43
N ILE A 12 17.39 -4.41 -10.88
CA ILE A 12 16.89 -3.08 -10.52
C ILE A 12 16.21 -2.47 -11.75
N VAL A 13 14.94 -2.05 -11.61
CA VAL A 13 14.20 -1.42 -12.71
C VAL A 13 13.70 -0.05 -12.23
N GLU A 14 14.29 1.01 -12.76
CA GLU A 14 13.96 2.37 -12.39
C GLU A 14 14.27 3.30 -13.57
N ASP A 15 13.32 4.16 -13.93
CA ASP A 15 13.51 5.07 -15.06
C ASP A 15 14.38 6.29 -14.76
N ASP A 16 14.56 6.61 -13.48
CA ASP A 16 15.42 7.73 -13.14
C ASP A 16 16.87 7.20 -13.15
N THR A 17 17.72 7.78 -14.00
CA THR A 17 19.10 7.34 -14.11
C THR A 17 19.90 7.48 -12.83
N ASP A 18 19.79 8.64 -12.19
CA ASP A 18 20.52 8.89 -10.95
C ASP A 18 20.20 7.87 -9.87
N ALA A 19 18.91 7.66 -9.61
CA ALA A 19 18.50 6.71 -8.58
C ALA A 19 18.85 5.29 -8.96
N ARG A 20 18.76 4.98 -10.25
CA ARG A 20 19.06 3.66 -10.72
C ARG A 20 20.54 3.34 -10.52
N GLU A 21 21.41 4.28 -10.89
CA GLU A 21 22.84 4.09 -10.75
C GLU A 21 23.28 4.11 -9.28
N TRP A 22 22.56 4.87 -8.46
CA TRP A 22 22.88 4.92 -7.03
C TRP A 22 22.54 3.55 -6.43
N LEU A 23 21.35 3.04 -6.75
CA LEU A 23 20.91 1.73 -6.25
C LEU A 23 21.89 0.64 -6.68
N SER A 24 22.30 0.69 -7.94
CA SER A 24 23.24 -0.29 -8.45
C SER A 24 24.55 -0.22 -7.65
N THR A 25 25.07 0.98 -7.42
CA THR A 25 26.33 1.14 -6.69
C THR A 25 26.27 0.63 -5.25
N ILE A 26 25.35 1.15 -4.45
CA ILE A 26 25.29 0.72 -3.05
C ILE A 26 25.01 -0.78 -2.88
N ILE A 27 24.32 -1.38 -3.84
CA ILE A 27 24.03 -2.80 -3.75
C ILE A 27 25.21 -3.64 -4.24
N SER A 28 25.81 -3.23 -5.35
CA SER A 28 26.93 -3.98 -5.89
C SER A 28 28.07 -4.07 -4.86
N ASN A 29 28.18 -3.09 -3.97
CA ASN A 29 29.21 -3.11 -2.94
C ASN A 29 29.11 -4.35 -2.05
N HIS A 30 27.91 -4.90 -1.90
CA HIS A 30 27.76 -6.07 -1.06
C HIS A 30 27.08 -7.26 -1.73
N PHE A 31 26.78 -7.11 -3.00
CA PHE A 31 26.14 -8.16 -3.78
C PHE A 31 26.78 -8.10 -5.16
N PRO A 32 27.58 -9.11 -5.51
CA PRO A 32 28.27 -9.20 -6.80
C PRO A 32 27.43 -9.37 -8.07
N GLU A 33 26.19 -9.86 -7.95
CA GLU A 33 25.36 -10.07 -9.15
C GLU A 33 24.14 -9.14 -9.24
N VAL A 34 24.38 -7.97 -9.81
CA VAL A 34 23.36 -6.95 -9.95
C VAL A 34 23.17 -6.51 -11.40
N TRP A 35 21.91 -6.39 -11.79
CA TRP A 35 21.53 -5.92 -13.13
C TRP A 35 20.62 -4.69 -12.96
N SER A 36 20.65 -3.80 -13.94
CA SER A 36 19.80 -2.62 -13.87
C SER A 36 19.13 -2.38 -15.22
N ALA A 37 17.84 -2.01 -15.16
CA ALA A 37 17.03 -1.75 -16.32
C ALA A 37 16.32 -0.39 -16.16
N GLY A 38 16.13 0.31 -17.27
CA GLY A 38 15.50 1.62 -17.25
C GLY A 38 14.00 1.71 -17.53
N ASP A 39 13.38 0.56 -17.82
CA ASP A 39 11.94 0.49 -18.06
C ASP A 39 11.51 -0.95 -17.96
N GLY A 40 10.20 -1.15 -17.78
CA GLY A 40 9.64 -2.49 -17.62
C GLY A 40 9.90 -3.49 -18.72
N GLU A 41 10.02 -3.01 -19.95
CA GLU A 41 10.29 -3.89 -21.07
C GLU A 41 11.71 -4.44 -20.97
N GLU A 42 12.67 -3.55 -20.75
CA GLU A 42 14.06 -3.93 -20.62
C GLU A 42 14.17 -4.81 -19.38
N GLY A 43 13.41 -4.47 -18.35
CA GLY A 43 13.43 -5.25 -17.13
C GLY A 43 12.97 -6.67 -17.38
N GLU A 44 11.91 -6.81 -18.16
CA GLU A 44 11.36 -8.13 -18.47
C GLU A 44 12.39 -8.96 -19.24
N ARG A 45 13.02 -8.36 -20.23
CA ARG A 45 14.02 -9.07 -21.03
C ARG A 45 15.18 -9.57 -20.14
N LEU A 46 15.69 -8.70 -19.27
CA LEU A 46 16.78 -9.09 -18.39
C LEU A 46 16.36 -10.17 -17.41
N PHE A 47 15.09 -10.19 -17.03
CA PHE A 47 14.64 -11.23 -16.12
C PHE A 47 14.72 -12.58 -16.83
N GLY A 48 14.19 -12.61 -18.06
CA GLY A 48 14.20 -13.83 -18.84
C GLY A 48 15.61 -14.34 -19.12
N LEU A 49 16.56 -13.42 -19.25
CA LEU A 49 17.94 -13.78 -19.54
C LEU A 49 18.71 -14.29 -18.34
N HIS A 50 18.55 -13.63 -17.20
CA HIS A 50 19.31 -14.00 -16.02
C HIS A 50 18.55 -14.54 -14.83
N ALA A 51 17.24 -14.73 -14.97
CA ALA A 51 16.41 -15.26 -13.90
C ALA A 51 16.89 -14.82 -12.52
N PRO A 52 16.78 -13.53 -12.20
CA PRO A 52 17.21 -13.06 -10.88
C PRO A 52 16.27 -13.49 -9.75
N ASP A 53 16.82 -13.59 -8.55
CA ASP A 53 16.08 -13.98 -7.36
C ASP A 53 15.27 -12.81 -6.82
N VAL A 54 15.82 -11.60 -6.97
CA VAL A 54 15.18 -10.38 -6.47
C VAL A 54 14.94 -9.31 -7.55
N ILE A 55 13.78 -8.67 -7.50
CA ILE A 55 13.47 -7.58 -8.41
C ILE A 55 13.18 -6.35 -7.55
N ILE A 56 13.85 -5.25 -7.86
CA ILE A 56 13.65 -3.98 -7.17
C ILE A 56 13.09 -3.08 -8.29
N THR A 57 11.79 -2.81 -8.26
CA THR A 57 11.18 -2.03 -9.33
C THR A 57 10.33 -0.83 -8.97
N ASP A 58 10.33 0.11 -9.89
CA ASP A 58 9.55 1.33 -9.79
C ASP A 58 8.21 0.97 -10.47
N ILE A 59 7.19 1.81 -10.35
CA ILE A 59 5.92 1.47 -10.97
C ILE A 59 5.69 2.20 -12.29
N ARG A 60 5.67 3.53 -12.25
CA ARG A 60 5.44 4.26 -13.49
C ARG A 60 6.71 4.53 -14.27
N PRO A 62 8.48 4.32 -18.65
CA PRO A 62 8.20 4.30 -20.09
C PRO A 62 8.00 2.87 -20.59
N LYS A 63 7.32 2.73 -21.73
CA LYS A 63 7.06 1.44 -22.37
C LYS A 63 6.22 0.42 -21.65
N LEU A 64 6.65 0.04 -20.45
CA LEU A 64 5.94 -0.95 -19.65
C LEU A 64 6.11 -0.59 -18.19
N GLY A 65 5.03 -0.65 -17.42
CA GLY A 65 5.09 -0.33 -16.01
C GLY A 65 5.51 -1.49 -15.14
N GLY A 66 6.00 -1.17 -13.94
CA GLY A 66 6.45 -2.20 -13.03
C GLY A 66 5.47 -3.32 -12.73
N LEU A 67 4.20 -2.96 -12.51
CA LEU A 67 3.18 -3.96 -12.20
C LEU A 67 2.88 -4.84 -13.41
N GLU A 68 2.69 -4.23 -14.58
CA GLU A 68 2.44 -5.00 -15.80
C GLU A 68 3.65 -5.91 -16.01
N LEU A 70 5.75 -7.09 -13.74
CA LEU A 70 5.67 -8.18 -12.76
C LEU A 70 4.65 -9.24 -13.11
N ASP A 71 3.49 -8.80 -13.59
CA ASP A 71 2.44 -9.72 -13.97
C ASP A 71 2.93 -10.69 -15.05
N ARG A 72 3.59 -10.16 -16.08
CA ARG A 72 4.11 -10.99 -17.17
C ARG A 72 5.14 -11.98 -16.67
N ILE A 73 6.03 -11.53 -15.79
CA ILE A 73 7.04 -12.42 -15.25
C ILE A 73 6.40 -13.52 -14.42
N LYS A 74 5.41 -13.16 -13.61
CA LYS A 74 4.74 -14.15 -12.79
C LYS A 74 3.97 -15.15 -13.64
N ALA A 75 3.23 -14.63 -14.62
CA ALA A 75 2.44 -15.46 -15.52
C ALA A 75 3.30 -16.57 -16.10
N GLY A 76 4.61 -16.33 -16.15
CA GLY A 76 5.54 -17.31 -16.67
C GLY A 76 5.95 -18.36 -15.64
N GLY A 77 5.53 -18.19 -14.39
CA GLY A 77 5.85 -19.16 -13.35
C GLY A 77 6.97 -18.82 -12.37
N ALA A 78 7.68 -17.72 -12.59
CA ALA A 78 8.76 -17.38 -11.66
C ALA A 78 8.17 -16.76 -10.40
N LYS A 79 8.87 -16.94 -9.28
CA LYS A 79 8.43 -16.38 -8.02
C LYS A 79 9.59 -15.70 -7.33
N PRO A 80 10.04 -14.56 -7.86
CA PRO A 80 11.16 -13.82 -7.28
C PRO A 80 10.68 -12.95 -6.15
N TYR A 81 11.60 -12.58 -5.27
CA TYR A 81 11.22 -11.68 -4.19
C TYR A 81 11.13 -10.33 -4.88
N VAL A 82 10.15 -9.54 -4.48
CA VAL A 82 9.91 -8.24 -5.07
C VAL A 82 9.89 -7.09 -4.08
N ILE A 83 10.62 -6.04 -4.42
CA ILE A 83 10.67 -4.82 -3.63
C ILE A 83 10.18 -3.69 -4.55
N VAL A 84 9.19 -2.93 -4.12
CA VAL A 84 8.65 -1.84 -4.90
C VAL A 84 9.19 -0.50 -4.40
N ILE A 85 9.83 0.25 -5.28
CA ILE A 85 10.42 1.52 -4.87
C ILE A 85 9.67 2.72 -5.40
N SER A 86 8.37 2.56 -5.58
CA SER A 86 7.60 3.67 -6.11
C SER A 86 7.01 4.54 -5.01
N ALA A 87 7.07 5.84 -5.23
CA ALA A 87 6.48 6.80 -4.31
C ALA A 87 5.18 7.21 -5.00
N PHE A 88 4.26 6.26 -5.16
CA PHE A 88 2.99 6.53 -5.83
C PHE A 88 2.01 7.38 -5.02
N SER A 89 0.95 7.83 -5.69
CA SER A 89 -0.08 8.69 -5.09
C SER A 89 -1.51 8.13 -5.05
N GLU A 90 -1.67 6.82 -5.28
CA GLU A 90 -3.01 6.24 -5.23
C GLU A 90 -3.04 5.00 -4.33
N LYS A 92 -4.82 2.45 -5.46
CA LYS A 92 -5.01 1.39 -6.45
C LYS A 92 -3.71 0.70 -6.86
N TYR A 93 -2.60 1.44 -6.85
CA TYR A 93 -1.33 0.83 -7.22
C TYR A 93 -0.98 -0.15 -6.12
N PHE A 94 -1.12 0.29 -4.88
CA PHE A 94 -0.83 -0.54 -3.73
C PHE A 94 -1.63 -1.83 -3.74
N ILE A 95 -2.92 -1.71 -4.04
CA ILE A 95 -3.84 -2.84 -4.11
C ILE A 95 -3.39 -3.88 -5.13
N LYS A 96 -3.10 -3.43 -6.34
CA LYS A 96 -2.65 -4.36 -7.38
C LYS A 96 -1.29 -4.96 -7.01
N ALA A 97 -0.42 -4.15 -6.42
CA ALA A 97 0.92 -4.59 -6.02
C ALA A 97 0.82 -5.75 -5.03
N ILE A 98 -0.10 -5.63 -4.09
CA ILE A 98 -0.31 -6.66 -3.08
C ILE A 98 -0.92 -7.91 -3.67
N GLU A 99 -1.76 -7.76 -4.67
CA GLU A 99 -2.35 -8.93 -5.30
C GLU A 99 -1.25 -9.73 -5.98
N LEU A 100 -0.35 -9.05 -6.67
CA LEU A 100 0.73 -9.73 -7.35
C LEU A 100 1.65 -10.38 -6.34
N GLY A 101 1.73 -9.80 -5.15
CA GLY A 101 2.60 -10.37 -4.15
C GLY A 101 3.95 -9.67 -4.06
N VAL A 102 3.97 -8.52 -3.40
CA VAL A 102 5.19 -7.75 -3.23
C VAL A 102 5.67 -8.06 -1.81
N HIS A 103 6.98 -8.09 -1.60
CA HIS A 103 7.53 -8.42 -0.29
C HIS A 103 7.99 -7.21 0.49
N LEU A 104 7.96 -6.04 -0.13
CA LEU A 104 8.41 -4.85 0.56
C LEU A 104 8.24 -3.61 -0.25
N PHE A 105 7.71 -2.58 0.39
CA PHE A 105 7.52 -1.29 -0.23
C PHE A 105 8.54 -0.38 0.41
N LEU A 106 9.44 0.15 -0.40
CA LEU A 106 10.48 1.02 0.09
C LEU A 106 10.41 2.25 -0.79
N PRO A 107 9.43 3.13 -0.53
CA PRO A 107 9.22 4.37 -1.30
C PRO A 107 10.36 5.37 -1.17
N LYS A 108 10.38 6.33 -2.08
CA LYS A 108 11.41 7.37 -2.10
C LYS A 108 11.09 8.51 -1.16
N PRO A 109 12.13 9.14 -0.60
CA PRO A 109 13.53 8.78 -0.85
C PRO A 109 13.86 7.45 -0.15
N ILE A 110 14.58 6.59 -0.85
CA ILE A 110 14.94 5.26 -0.36
C ILE A 110 15.88 5.21 0.86
N GLU A 111 15.51 4.37 1.83
CA GLU A 111 16.30 4.16 3.05
C GLU A 111 17.27 3.00 2.80
N PRO A 112 18.53 3.31 2.47
CA PRO A 112 19.51 2.25 2.22
C PRO A 112 19.59 1.20 3.30
N GLY A 113 19.53 1.63 4.56
CA GLY A 113 19.59 0.70 5.66
C GLY A 113 18.50 -0.35 5.59
N ARG A 114 17.26 0.09 5.36
CA ARG A 114 16.12 -0.83 5.28
C ARG A 114 16.31 -1.75 4.07
N LEU A 115 16.90 -1.22 3.02
CA LEU A 115 17.16 -1.98 1.80
C LEU A 115 18.19 -3.09 2.03
N GLU A 117 19.12 -4.62 4.90
CA GLU A 117 18.62 -5.66 5.78
C GLU A 117 17.69 -6.63 5.02
N THR A 118 16.80 -6.07 4.21
CA THR A 118 15.86 -6.88 3.43
C THR A 118 16.61 -7.76 2.45
N LEU A 119 17.59 -7.18 1.75
CA LEU A 119 18.35 -7.98 0.82
C LEU A 119 19.08 -9.10 1.57
N GLU A 120 19.58 -8.83 2.78
CA GLU A 120 20.28 -9.87 3.53
C GLU A 120 19.29 -10.96 3.93
N ASP A 121 18.06 -10.56 4.25
CA ASP A 121 17.05 -11.56 4.59
C ASP A 121 16.87 -12.49 3.38
N PHE A 122 16.71 -11.91 2.20
CA PHE A 122 16.53 -12.73 1.00
C PHE A 122 17.73 -13.62 0.75
N ARG A 123 18.92 -13.11 0.98
CA ARG A 123 20.11 -13.90 0.78
C ARG A 123 20.06 -15.09 1.74
N HIS A 124 19.66 -14.85 2.98
CA HIS A 124 19.55 -15.94 3.95
C HIS A 124 18.54 -16.99 3.55
N ILE A 125 17.38 -16.54 3.04
CA ILE A 125 16.35 -17.47 2.61
C ILE A 125 16.85 -18.36 1.49
N LYS A 126 17.56 -17.80 0.53
CA LYS A 126 18.10 -18.59 -0.58
C LYS A 126 19.22 -19.50 -0.06
N LEU A 127 19.86 -19.11 1.04
CA LEU A 127 20.92 -19.90 1.65
C LEU A 127 20.31 -21.11 2.35
N ALA A 128 19.48 -20.85 3.36
CA ALA A 128 18.81 -21.90 4.13
C ALA A 128 18.10 -22.88 3.20
N LYS A 129 17.67 -22.37 2.05
CA LYS A 129 16.96 -23.19 1.09
C LYS A 129 17.93 -23.82 0.09
N GLU A 130 19.12 -23.26 -0.03
CA GLU A 130 20.18 -23.74 -0.92
C GLU A 130 19.69 -23.82 -2.36
N VAL B 6 5.37 37.66 -23.39
CA VAL B 6 5.90 38.22 -22.10
C VAL B 6 5.80 37.19 -20.97
N ALA B 7 5.00 36.16 -21.21
CA ALA B 7 4.82 35.10 -20.22
C ALA B 7 6.15 34.34 -20.13
N LEU B 8 6.48 33.84 -18.94
CA LEU B 8 7.71 33.08 -18.78
C LEU B 8 7.49 31.66 -19.28
N LYS B 9 8.28 31.24 -20.26
CA LYS B 9 8.15 29.89 -20.81
C LYS B 9 9.15 28.98 -20.12
N ILE B 10 8.68 27.84 -19.58
CA ILE B 10 9.55 26.89 -18.87
C ILE B 10 9.61 25.49 -19.48
N LEU B 11 10.82 24.98 -19.64
CA LEU B 11 11.03 23.64 -20.17
C LEU B 11 11.62 22.75 -19.09
N ILE B 12 10.95 21.63 -18.82
CA ILE B 12 11.41 20.68 -17.81
C ILE B 12 11.97 19.45 -18.50
N VAL B 13 13.21 19.11 -18.18
CA VAL B 13 13.83 17.92 -18.75
C VAL B 13 14.25 17.00 -17.58
N GLU B 14 13.43 15.98 -17.32
CA GLU B 14 13.67 15.02 -16.24
C GLU B 14 13.33 13.61 -16.76
N ASP B 15 14.26 12.66 -16.59
CA ASP B 15 14.01 11.31 -17.07
C ASP B 15 13.08 10.46 -16.20
N ASP B 16 12.88 10.84 -14.96
CA ASP B 16 12.00 10.08 -14.12
C ASP B 16 10.55 10.51 -14.38
N THR B 17 9.71 9.57 -14.76
CA THR B 17 8.31 9.87 -15.04
C THR B 17 7.59 10.55 -13.88
N ASP B 18 7.73 9.98 -12.68
CA ASP B 18 7.10 10.53 -11.49
C ASP B 18 7.55 11.95 -11.18
N ALA B 19 8.87 12.16 -11.14
CA ALA B 19 9.41 13.47 -10.85
C ALA B 19 9.10 14.51 -11.94
N ARG B 20 9.07 14.07 -13.19
CA ARG B 20 8.79 14.97 -14.30
C ARG B 20 7.36 15.51 -14.23
N GLU B 21 6.41 14.62 -14.01
CA GLU B 21 5.02 15.01 -13.94
C GLU B 21 4.73 15.84 -12.70
N TRP B 22 5.45 15.55 -11.62
CA TRP B 22 5.27 16.32 -10.39
C TRP B 22 5.73 17.75 -10.66
N LEU B 23 6.92 17.89 -11.23
CA LEU B 23 7.47 19.19 -11.56
C LEU B 23 6.48 19.94 -12.45
N SER B 24 5.98 19.27 -13.47
CA SER B 24 5.06 19.90 -14.40
C SER B 24 3.77 20.37 -13.71
N THR B 25 3.18 19.51 -12.90
CA THR B 25 1.97 19.88 -12.19
C THR B 25 2.15 21.09 -11.26
N ILE B 26 3.20 21.06 -10.44
CA ILE B 26 3.44 22.16 -9.50
C ILE B 26 3.66 23.47 -10.24
N ILE B 27 4.52 23.42 -11.25
CA ILE B 27 4.85 24.60 -12.04
C ILE B 27 3.70 25.19 -12.87
N SER B 28 2.91 24.34 -13.53
CA SER B 28 1.81 24.84 -14.36
C SER B 28 0.71 25.48 -13.51
N ASN B 29 0.75 25.22 -12.21
CA ASN B 29 -0.24 25.79 -11.31
C ASN B 29 0.01 27.29 -11.16
N HIS B 30 1.23 27.74 -11.49
CA HIS B 30 1.58 29.15 -11.38
C HIS B 30 2.05 29.72 -12.71
N PHE B 31 2.54 28.86 -13.59
CA PHE B 31 3.02 29.27 -14.90
C PHE B 31 2.32 28.49 -16.01
N PRO B 32 1.61 29.18 -16.91
CA PRO B 32 0.92 28.50 -18.00
C PRO B 32 1.84 27.84 -19.02
N GLU B 33 2.82 28.60 -19.50
CA GLU B 33 3.75 28.08 -20.51
C GLU B 33 4.77 27.10 -19.95
N VAL B 34 4.37 25.83 -19.82
CA VAL B 34 5.25 24.78 -19.31
C VAL B 34 5.25 23.56 -20.21
N TRP B 35 6.45 23.09 -20.56
CA TRP B 35 6.65 21.90 -21.39
C TRP B 35 7.63 20.98 -20.67
N SER B 36 7.56 19.68 -20.93
CA SER B 36 8.46 18.74 -20.28
C SER B 36 8.92 17.61 -21.21
N ALA B 37 10.18 17.21 -21.06
CA ALA B 37 10.80 16.16 -21.86
C ALA B 37 11.48 15.13 -20.95
N GLY B 38 11.63 13.90 -21.45
CA GLY B 38 12.25 12.84 -20.66
C GLY B 38 13.71 12.49 -20.92
N ASP B 39 14.35 13.20 -21.84
CA ASP B 39 15.76 13.01 -22.18
C ASP B 39 16.27 14.23 -22.93
N GLY B 40 17.58 14.34 -23.08
CA GLY B 40 18.17 15.49 -23.76
C GLY B 40 17.80 15.74 -25.22
N GLU B 41 17.40 14.71 -25.93
CA GLU B 41 17.02 14.87 -27.33
C GLU B 41 15.66 15.54 -27.45
N GLU B 42 14.68 14.98 -26.77
CA GLU B 42 13.34 15.55 -26.76
C GLU B 42 13.48 16.97 -26.26
N GLY B 43 14.28 17.11 -25.20
CA GLY B 43 14.55 18.40 -24.59
C GLY B 43 15.07 19.44 -25.56
N GLU B 44 16.03 19.04 -26.38
CA GLU B 44 16.60 19.94 -27.39
C GLU B 44 15.55 20.29 -28.46
N ARG B 45 14.71 19.33 -28.82
CA ARG B 45 13.67 19.57 -29.82
C ARG B 45 12.64 20.54 -29.27
N LEU B 46 12.16 20.26 -28.06
CA LEU B 46 11.20 21.14 -27.43
C LEU B 46 11.75 22.55 -27.28
N PHE B 47 13.05 22.67 -26.99
CA PHE B 47 13.65 24.00 -26.86
C PHE B 47 13.54 24.76 -28.16
N GLY B 48 13.98 24.14 -29.25
CA GLY B 48 13.90 24.80 -30.54
C GLY B 48 12.46 25.12 -30.93
N LEU B 49 11.53 24.23 -30.58
CA LEU B 49 10.12 24.44 -30.89
C LEU B 49 9.42 25.58 -30.16
N HIS B 50 9.74 25.77 -28.87
CA HIS B 50 9.07 26.79 -28.07
C HIS B 50 9.97 27.87 -27.47
N ALA B 51 11.27 27.81 -27.76
CA ALA B 51 12.22 28.78 -27.23
C ALA B 51 11.84 29.25 -25.82
N PRO B 52 11.93 28.34 -24.83
CA PRO B 52 11.58 28.67 -23.45
C PRO B 52 12.61 29.60 -22.82
N ASP B 53 12.19 30.34 -21.80
CA ASP B 53 13.09 31.28 -21.12
C ASP B 53 13.90 30.54 -20.09
N VAL B 54 13.25 29.56 -19.46
CA VAL B 54 13.87 28.77 -18.42
C VAL B 54 13.93 27.28 -18.75
N ILE B 55 15.05 26.66 -18.39
CA ILE B 55 15.25 25.22 -18.59
C ILE B 55 15.59 24.60 -17.25
N ILE B 56 14.80 23.62 -16.84
CA ILE B 56 15.06 22.91 -15.59
C ILE B 56 15.44 21.51 -16.07
N THR B 57 16.71 21.15 -15.95
CA THR B 57 17.17 19.87 -16.46
C THR B 57 18.05 18.97 -15.59
N ASP B 58 17.87 17.67 -15.81
CA ASP B 58 18.63 16.63 -15.14
C ASP B 58 20.00 16.64 -15.82
N ILE B 59 20.95 15.95 -15.22
CA ILE B 59 22.26 15.84 -15.82
C ILE B 59 22.36 14.46 -16.46
N ARG B 60 22.29 13.41 -15.66
CA ARG B 60 22.37 12.07 -16.21
C ARG B 60 21.00 11.61 -16.72
N PRO B 62 19.05 9.30 -20.35
CA PRO B 62 19.22 8.44 -21.51
C PRO B 62 19.33 9.25 -22.80
N LYS B 63 19.87 8.63 -23.83
CA LYS B 63 20.05 9.24 -25.16
C LYS B 63 21.00 10.42 -25.21
N LEU B 64 20.76 11.45 -24.40
CA LEU B 64 21.60 12.65 -24.40
C LEU B 64 21.54 13.34 -23.04
N GLY B 65 22.72 13.52 -22.42
CA GLY B 65 22.79 14.16 -21.12
C GLY B 65 22.38 15.62 -21.13
N GLY B 66 22.03 16.12 -19.95
CA GLY B 66 21.62 17.50 -19.82
C GLY B 66 22.69 18.50 -20.18
N LEU B 67 23.95 18.14 -19.97
CA LEU B 67 25.06 19.05 -20.28
C LEU B 67 25.36 19.07 -21.78
N GLU B 68 25.31 17.92 -22.43
CA GLU B 68 25.56 17.91 -23.87
C GLU B 68 24.40 18.67 -24.51
N LEU B 70 22.66 21.15 -23.24
CA LEU B 70 22.88 22.57 -23.02
C LEU B 70 23.93 23.12 -23.97
N ASP B 71 25.04 22.41 -24.10
CA ASP B 71 26.10 22.83 -24.99
C ASP B 71 25.56 22.99 -26.40
N ARG B 72 24.71 22.07 -26.84
CA ARG B 72 24.13 22.18 -28.17
C ARG B 72 23.23 23.41 -28.24
N ILE B 73 22.53 23.69 -27.14
CA ILE B 73 21.65 24.86 -27.11
C ILE B 73 22.48 26.13 -27.07
N LYS B 74 23.42 26.22 -26.11
CA LYS B 74 24.26 27.40 -25.99
C LYS B 74 25.08 27.60 -27.25
N ALA B 75 25.32 26.52 -27.98
CA ALA B 75 26.09 26.58 -29.22
C ALA B 75 25.11 26.80 -30.36
N GLY B 76 24.22 27.75 -30.18
CA GLY B 76 23.24 28.08 -31.18
C GLY B 76 22.83 29.52 -30.95
N GLY B 77 23.54 30.17 -30.02
CA GLY B 77 23.28 31.56 -29.70
C GLY B 77 22.44 31.81 -28.46
N ALA B 78 21.34 31.08 -28.33
CA ALA B 78 20.40 31.22 -27.21
C ALA B 78 21.08 31.23 -25.83
N LYS B 79 20.48 31.99 -24.91
CA LYS B 79 21.02 32.13 -23.56
C LYS B 79 19.90 32.08 -22.53
N PRO B 80 19.25 30.91 -22.39
CA PRO B 80 18.16 30.78 -21.42
C PRO B 80 18.67 30.73 -19.98
N TYR B 81 17.76 30.91 -19.03
CA TYR B 81 18.12 30.81 -17.64
C TYR B 81 18.13 29.30 -17.44
N VAL B 82 19.08 28.79 -16.67
CA VAL B 82 19.17 27.35 -16.46
C VAL B 82 19.23 26.92 -15.01
N ILE B 83 18.31 26.01 -14.66
CA ILE B 83 18.26 25.42 -13.33
C ILE B 83 18.66 23.96 -13.50
N VAL B 84 19.62 23.52 -12.70
CA VAL B 84 20.11 22.16 -12.79
C VAL B 84 19.66 21.29 -11.62
N ILE B 85 19.07 20.14 -11.95
CA ILE B 85 18.60 19.18 -10.98
C ILE B 85 19.82 18.31 -10.67
N SER B 86 20.43 18.54 -9.51
CA SER B 86 21.62 17.81 -9.10
C SER B 86 21.41 16.82 -7.96
N SER B 89 26.83 13.48 -8.98
CA SER B 89 27.61 12.91 -7.88
C SER B 89 29.11 13.09 -8.07
N GLU B 90 29.50 13.57 -9.25
CA GLU B 90 30.92 13.80 -9.55
C GLU B 90 31.21 15.27 -9.80
N LYS B 92 33.12 16.54 -11.84
CA LYS B 92 33.27 16.79 -13.27
C LYS B 92 32.03 17.46 -13.85
N TYR B 93 30.86 16.95 -13.46
CA TYR B 93 29.57 17.47 -13.91
C TYR B 93 29.39 18.93 -13.51
N PHE B 94 29.61 19.22 -12.23
CA PHE B 94 29.53 20.58 -11.71
C PHE B 94 30.40 21.53 -12.50
N ILE B 95 31.69 21.19 -12.59
CA ILE B 95 32.64 22.03 -13.31
C ILE B 95 32.17 22.34 -14.73
N LYS B 96 31.79 21.32 -15.49
CA LYS B 96 31.30 21.54 -16.85
C LYS B 96 30.02 22.39 -16.83
N ALA B 97 29.21 22.20 -15.79
CA ALA B 97 27.96 22.95 -15.66
C ALA B 97 28.29 24.43 -15.52
N ILE B 98 29.47 24.73 -15.00
CA ILE B 98 29.92 26.11 -14.83
C ILE B 98 30.41 26.68 -16.16
N GLU B 99 31.22 25.92 -16.89
CA GLU B 99 31.69 26.38 -18.19
C GLU B 99 30.47 26.76 -19.02
N LEU B 100 29.48 25.86 -19.02
CA LEU B 100 28.24 26.07 -19.78
C LEU B 100 27.49 27.35 -19.39
N GLY B 101 27.59 27.74 -18.13
CA GLY B 101 26.91 28.95 -17.70
C GLY B 101 25.64 28.68 -16.92
N VAL B 102 25.59 27.56 -16.21
CA VAL B 102 24.40 27.24 -15.42
C VAL B 102 24.21 28.32 -14.38
N HIS B 103 22.96 28.68 -14.17
CA HIS B 103 22.60 29.74 -13.25
C HIS B 103 22.33 29.28 -11.82
N LEU B 104 21.58 28.19 -11.69
CA LEU B 104 21.22 27.69 -10.37
C LEU B 104 21.37 26.17 -10.27
N PHE B 105 21.62 25.69 -9.06
CA PHE B 105 21.78 24.27 -8.79
C PHE B 105 20.77 23.95 -7.70
N LEU B 106 19.82 23.07 -8.01
CA LEU B 106 18.81 22.69 -7.04
C LEU B 106 19.00 21.24 -6.63
N PRO B 107 19.25 21.01 -5.34
CA PRO B 107 19.45 19.65 -4.84
C PRO B 107 18.16 18.84 -4.73
N LYS B 108 18.24 17.57 -5.09
CA LYS B 108 17.09 16.69 -4.97
C LYS B 108 17.14 16.17 -3.54
N PRO B 109 15.96 15.92 -2.91
CA PRO B 109 14.60 16.07 -3.44
C PRO B 109 14.32 17.54 -3.70
N ILE B 110 13.86 17.83 -4.92
CA ILE B 110 13.56 19.19 -5.29
C ILE B 110 12.65 19.81 -4.26
N GLU B 111 13.03 21.00 -3.78
CA GLU B 111 12.25 21.70 -2.79
C GLU B 111 11.38 22.75 -3.50
N PRO B 112 10.06 22.50 -3.55
CA PRO B 112 9.02 23.33 -4.17
C PRO B 112 9.07 24.84 -3.93
N GLY B 113 9.20 25.27 -2.67
CA GLY B 113 9.26 26.68 -2.40
C GLY B 113 10.42 27.38 -3.12
N ARG B 114 11.61 26.81 -2.98
CA ARG B 114 12.80 27.39 -3.60
C ARG B 114 12.65 27.47 -5.11
N LEU B 115 12.11 26.41 -5.71
CA LEU B 115 11.92 26.37 -7.15
C LEU B 115 10.96 27.47 -7.59
N GLU B 117 10.05 30.07 -6.01
CA GLU B 117 10.61 31.36 -5.66
C GLU B 117 11.62 31.78 -6.72
N THR B 118 12.42 30.82 -7.18
CA THR B 118 13.41 31.12 -8.20
C THR B 118 12.74 31.51 -9.51
N LEU B 119 11.71 30.79 -9.89
CA LEU B 119 11.01 31.12 -11.13
C LEU B 119 10.40 32.52 -11.04
N GLU B 120 9.83 32.85 -9.88
CA GLU B 120 9.25 34.18 -9.65
C GLU B 120 10.30 35.23 -9.91
N ASP B 121 11.54 34.92 -9.51
CA ASP B 121 12.65 35.84 -9.70
C ASP B 121 12.96 35.96 -11.19
N PHE B 122 12.86 34.86 -11.93
CA PHE B 122 13.15 34.89 -13.36
C PHE B 122 12.15 35.73 -14.15
N ARG B 123 10.89 35.73 -13.75
CA ARG B 123 9.91 36.52 -14.46
C ARG B 123 10.13 38.00 -14.22
N HIS B 124 10.34 38.37 -12.95
CA HIS B 124 10.59 39.77 -12.61
C HIS B 124 11.72 40.29 -13.50
N ILE B 125 12.71 39.46 -13.75
CA ILE B 125 13.84 39.84 -14.60
C ILE B 125 13.43 39.94 -16.06
N LYS B 126 12.53 39.09 -16.50
CA LYS B 126 12.09 39.12 -17.88
C LYS B 126 11.32 40.41 -18.19
N LEU B 127 10.37 40.76 -17.33
CA LEU B 127 9.61 41.97 -17.55
C LEU B 127 10.55 43.17 -17.69
N ALA B 128 11.50 43.28 -16.77
CA ALA B 128 12.45 44.39 -16.76
C ALA B 128 13.10 44.64 -18.11
N LYS B 129 13.08 43.63 -18.98
CA LYS B 129 13.68 43.76 -20.30
C LYS B 129 12.67 43.36 -21.37
N GLU B 130 11.56 42.77 -20.92
CA GLU B 130 10.53 42.26 -21.82
C GLU B 130 11.15 41.44 -22.96
N ALA C 7 12.00 -23.18 16.75
CA ALA C 7 10.74 -23.01 15.99
C ALA C 7 10.44 -21.53 15.85
N LEU C 8 9.22 -21.20 15.44
CA LEU C 8 8.82 -19.81 15.23
C LEU C 8 7.58 -19.50 16.07
N LYS C 9 7.68 -18.56 17.00
CA LYS C 9 6.53 -18.21 17.83
C LYS C 9 5.65 -17.24 17.06
N ILE C 10 4.36 -17.51 17.03
CA ILE C 10 3.44 -16.68 16.29
C ILE C 10 2.27 -16.14 17.10
N LEU C 11 1.99 -14.86 16.90
CA LEU C 11 0.87 -14.19 17.54
C LEU C 11 -0.08 -13.64 16.47
N ILE C 12 -1.34 -14.04 16.57
CA ILE C 12 -2.36 -13.63 15.63
C ILE C 12 -3.28 -12.62 16.31
N VAL C 13 -3.56 -11.51 15.64
CA VAL C 13 -4.42 -10.47 16.20
C VAL C 13 -5.46 -10.11 15.14
N GLU C 14 -6.70 -10.55 15.35
CA GLU C 14 -7.81 -10.29 14.43
C GLU C 14 -9.13 -10.19 15.21
N ASP C 15 -9.90 -9.14 14.95
CA ASP C 15 -11.15 -8.96 15.69
C ASP C 15 -12.32 -9.81 15.20
N ASP C 16 -12.18 -10.45 14.03
CA ASP C 16 -13.23 -11.31 13.53
C ASP C 16 -13.02 -12.71 14.10
N THR C 17 -13.88 -13.12 15.02
CA THR C 17 -13.78 -14.43 15.68
C THR C 17 -13.59 -15.63 14.74
N ASP C 18 -14.25 -15.60 13.59
CA ASP C 18 -14.14 -16.71 12.63
C ASP C 18 -12.79 -16.66 11.89
N ALA C 19 -12.38 -15.47 11.45
CA ALA C 19 -11.10 -15.36 10.76
C ALA C 19 -9.96 -15.70 11.73
N ARG C 20 -10.05 -15.21 12.97
CA ARG C 20 -9.03 -15.48 13.98
C ARG C 20 -8.85 -16.97 14.27
N GLU C 21 -9.96 -17.69 14.47
CA GLU C 21 -9.89 -19.12 14.77
C GLU C 21 -9.42 -19.93 13.56
N TRP C 22 -9.82 -19.49 12.38
CA TRP C 22 -9.43 -20.15 11.15
C TRP C 22 -7.92 -20.04 10.97
N LEU C 23 -7.40 -18.84 11.19
CA LEU C 23 -5.97 -18.56 11.08
C LEU C 23 -5.19 -19.38 12.11
N SER C 24 -5.73 -19.44 13.32
CA SER C 24 -5.06 -20.19 14.38
C SER C 24 -4.99 -21.65 14.01
N THR C 25 -6.07 -22.17 13.45
CA THR C 25 -6.13 -23.57 13.06
C THR C 25 -5.08 -23.94 12.01
N ILE C 26 -5.15 -23.30 10.85
CA ILE C 26 -4.20 -23.62 9.79
C ILE C 26 -2.74 -23.38 10.15
N ILE C 27 -2.46 -22.30 10.87
CA ILE C 27 -1.09 -22.02 11.27
C ILE C 27 -0.62 -23.04 12.29
N SER C 28 -1.49 -23.38 13.23
CA SER C 28 -1.18 -24.36 14.26
C SER C 28 -0.81 -25.73 13.68
N ASN C 29 -1.33 -26.05 12.50
CA ASN C 29 -1.00 -27.33 11.88
C ASN C 29 0.49 -27.42 11.58
N HIS C 30 1.14 -26.30 11.33
CA HIS C 30 2.56 -26.31 11.03
C HIS C 30 3.44 -25.71 12.13
N PHE C 31 2.86 -24.90 12.98
CA PHE C 31 3.60 -24.26 14.07
C PHE C 31 2.91 -24.55 15.39
N PRO C 32 3.66 -25.11 16.37
CA PRO C 32 3.12 -25.45 17.69
C PRO C 32 2.88 -24.23 18.58
N GLU C 33 3.81 -23.28 18.54
CA GLU C 33 3.75 -22.07 19.35
C GLU C 33 2.87 -20.98 18.74
N VAL C 34 1.57 -21.04 18.97
CA VAL C 34 0.64 -20.05 18.41
C VAL C 34 -0.33 -19.45 19.43
N TRP C 35 -0.53 -18.14 19.33
CA TRP C 35 -1.44 -17.41 20.24
C TRP C 35 -2.31 -16.44 19.43
N SER C 36 -3.52 -16.19 19.90
CA SER C 36 -4.39 -15.27 19.19
C SER C 36 -5.15 -14.29 20.10
N ALA C 37 -5.48 -13.11 19.54
CA ALA C 37 -6.19 -12.07 20.28
C ALA C 37 -7.19 -11.32 19.40
N GLY C 38 -8.22 -10.74 20.02
CA GLY C 38 -9.23 -10.02 19.28
C GLY C 38 -9.11 -8.50 19.28
N ASP C 39 -8.03 -7.96 19.85
CA ASP C 39 -7.83 -6.51 19.88
C ASP C 39 -6.39 -6.18 20.24
N GLY C 40 -5.99 -4.94 19.98
CA GLY C 40 -4.63 -4.50 20.24
C GLY C 40 -4.10 -4.73 21.65
N GLU C 41 -4.96 -4.52 22.66
CA GLU C 41 -4.56 -4.69 24.04
C GLU C 41 -4.13 -6.10 24.39
N GLU C 42 -5.00 -7.08 24.13
CA GLU C 42 -4.65 -8.46 24.42
C GLU C 42 -3.45 -8.83 23.57
N GLY C 43 -3.43 -8.32 22.34
CA GLY C 43 -2.30 -8.59 21.47
C GLY C 43 -1.03 -8.15 22.16
N GLU C 44 -1.01 -6.89 22.61
CA GLU C 44 0.15 -6.33 23.30
C GLU C 44 0.54 -7.15 24.53
N ARG C 45 -0.45 -7.43 25.37
CA ARG C 45 -0.25 -8.21 26.58
C ARG C 45 0.34 -9.57 26.24
N LEU C 46 -0.24 -10.23 25.24
CA LEU C 46 0.24 -11.53 24.82
C LEU C 46 1.68 -11.45 24.28
N PHE C 47 2.00 -10.32 23.66
CA PHE C 47 3.35 -10.16 23.10
C PHE C 47 4.40 -10.03 24.20
N GLY C 48 4.11 -9.19 25.19
CA GLY C 48 5.05 -9.01 26.29
C GLY C 48 5.20 -10.29 27.05
N LEU C 49 4.13 -11.08 27.09
CA LEU C 49 4.14 -12.35 27.80
C LEU C 49 4.87 -13.48 27.08
N HIS C 50 4.77 -13.55 25.76
CA HIS C 50 5.41 -14.66 25.05
C HIS C 50 6.48 -14.31 24.04
N ALA C 51 6.73 -13.02 23.88
CA ALA C 51 7.75 -12.58 22.93
C ALA C 51 7.74 -13.37 21.61
N PRO C 52 6.60 -13.39 20.89
CA PRO C 52 6.55 -14.13 19.62
C PRO C 52 7.50 -13.56 18.56
N ASP C 53 7.92 -14.39 17.62
CA ASP C 53 8.81 -13.98 16.56
C ASP C 53 8.03 -13.28 15.46
N VAL C 54 6.79 -13.73 15.26
CA VAL C 54 5.95 -13.18 14.21
C VAL C 54 4.63 -12.66 14.74
N ILE C 55 4.14 -11.60 14.12
CA ILE C 55 2.87 -11.03 14.47
C ILE C 55 2.07 -10.83 13.20
N ILE C 56 0.89 -11.42 13.17
CA ILE C 56 -0.02 -11.30 12.06
C ILE C 56 -1.10 -10.43 12.64
N THR C 57 -1.24 -9.22 12.12
CA THR C 57 -2.21 -8.33 12.70
C THR C 57 -3.10 -7.57 11.76
N ASP C 58 -4.32 -7.39 12.24
CA ASP C 58 -5.40 -6.68 11.60
C ASP C 58 -5.14 -5.19 11.90
N ILE C 59 -5.68 -4.30 11.07
CA ILE C 59 -5.49 -2.88 11.30
C ILE C 59 -6.55 -2.33 12.27
N ARG C 60 -7.79 -2.25 11.80
CA ARG C 60 -8.89 -1.74 12.62
C ARG C 60 -9.47 -2.76 13.58
N PRO C 62 -11.08 -3.12 18.03
CA PRO C 62 -11.51 -2.39 19.23
C PRO C 62 -10.34 -2.21 20.20
N LYS C 63 -10.54 -1.33 21.18
CA LYS C 63 -9.55 -1.02 22.22
C LYS C 63 -8.27 -0.38 21.71
N LEU C 64 -7.59 -1.06 20.80
CA LEU C 64 -6.33 -0.55 20.24
C LEU C 64 -6.10 -1.17 18.86
N GLY C 65 -5.90 -0.32 17.85
CA GLY C 65 -5.67 -0.79 16.50
C GLY C 65 -4.36 -1.56 16.34
N GLY C 66 -4.22 -2.23 15.19
CA GLY C 66 -3.02 -2.98 14.91
C GLY C 66 -1.80 -2.08 14.83
N LEU C 67 -1.94 -0.95 14.14
CA LEU C 67 -0.84 -0.02 14.00
C LEU C 67 -0.46 0.61 15.36
N GLU C 68 -1.48 0.98 16.13
CA GLU C 68 -1.23 1.55 17.45
C GLU C 68 -0.53 0.51 18.31
N LEU C 70 1.37 -1.92 17.22
CA LEU C 70 2.73 -2.08 16.73
C LEU C 70 3.59 -0.91 17.20
N ASP C 71 2.99 0.29 17.25
CA ASP C 71 3.72 1.47 17.72
C ASP C 71 4.28 1.24 19.12
N ARG C 72 3.47 0.65 20.00
CA ARG C 72 3.91 0.36 21.37
C ARG C 72 4.99 -0.72 21.41
N ILE C 73 4.82 -1.76 20.62
CA ILE C 73 5.79 -2.86 20.56
C ILE C 73 7.13 -2.41 20.00
N LYS C 74 7.09 -1.52 19.01
CA LYS C 74 8.31 -1.02 18.39
C LYS C 74 8.97 -0.01 19.33
N ALA C 75 8.14 0.79 20.01
CA ALA C 75 8.66 1.77 20.95
C ALA C 75 9.51 1.05 22.00
N GLY C 76 9.06 -0.13 22.42
CA GLY C 76 9.78 -0.91 23.41
C GLY C 76 11.08 -1.52 22.90
N GLY C 77 11.43 -1.22 21.65
CA GLY C 77 12.66 -1.75 21.10
C GLY C 77 12.58 -3.12 20.47
N ALA C 78 11.41 -3.76 20.53
CA ALA C 78 11.23 -5.08 19.92
C ALA C 78 11.07 -4.91 18.41
N LYS C 79 11.58 -5.89 17.66
CA LYS C 79 11.52 -5.87 16.19
C LYS C 79 11.10 -7.22 15.63
N PRO C 80 9.82 -7.60 15.81
CA PRO C 80 9.30 -8.88 15.30
C PRO C 80 8.98 -8.81 13.81
N TYR C 81 8.89 -9.97 13.17
CA TYR C 81 8.51 -10.03 11.76
C TYR C 81 7.03 -9.70 11.81
N VAL C 82 6.58 -8.79 10.96
CA VAL C 82 5.18 -8.39 10.95
C VAL C 82 4.47 -8.60 9.61
N ILE C 83 3.26 -9.16 9.67
CA ILE C 83 2.43 -9.39 8.51
C ILE C 83 1.14 -8.61 8.77
N VAL C 84 0.78 -7.72 7.86
CA VAL C 84 -0.41 -6.91 8.04
C VAL C 84 -1.57 -7.44 7.22
N ILE C 85 -2.66 -7.79 7.90
CA ILE C 85 -3.87 -8.26 7.24
C ILE C 85 -4.47 -6.99 6.64
N SER C 86 -4.22 -6.81 5.35
CA SER C 86 -4.66 -5.64 4.61
C SER C 86 -6.09 -5.65 4.11
N ALA C 87 -6.80 -4.57 4.41
CA ALA C 87 -8.18 -4.38 4.00
C ALA C 87 -8.47 -2.88 3.98
N PHE C 88 -7.75 -2.15 4.85
CA PHE C 88 -7.90 -0.70 4.97
C PHE C 88 -8.09 0.00 3.63
N SER C 89 -8.80 1.13 3.66
CA SER C 89 -9.07 1.90 2.46
C SER C 89 -8.29 3.20 2.37
N GLU C 90 -7.62 3.59 3.46
CA GLU C 90 -6.89 4.85 3.49
C GLU C 90 -5.37 4.73 3.33
N LYS C 92 -3.41 6.39 4.40
CA LYS C 92 -2.81 6.82 5.65
C LYS C 92 -2.26 5.61 6.40
N TYR C 93 -3.04 4.53 6.48
CA TYR C 93 -2.60 3.35 7.19
C TYR C 93 -1.41 2.67 6.52
N PHE C 94 -1.36 2.71 5.19
CA PHE C 94 -0.25 2.09 4.48
C PHE C 94 1.08 2.77 4.79
N ILE C 95 1.09 4.11 4.73
CA ILE C 95 2.29 4.89 5.02
C ILE C 95 2.77 4.60 6.44
N LYS C 96 1.83 4.67 7.39
CA LYS C 96 2.16 4.42 8.80
C LYS C 96 2.67 3.01 8.98
N ALA C 97 2.06 2.08 8.26
CA ALA C 97 2.47 0.68 8.33
C ALA C 97 3.94 0.53 7.91
N ILE C 98 4.32 1.11 6.78
CA ILE C 98 5.70 0.99 6.31
C ILE C 98 6.69 1.77 7.18
N GLU C 99 6.24 2.84 7.82
CA GLU C 99 7.14 3.58 8.70
C GLU C 99 7.45 2.66 9.88
N LEU C 100 6.54 1.74 10.19
CA LEU C 100 6.76 0.80 11.27
C LEU C 100 7.61 -0.39 10.81
N GLY C 101 7.96 -0.40 9.53
CA GLY C 101 8.78 -1.46 8.97
C GLY C 101 8.10 -2.81 8.76
N VAL C 102 6.81 -2.78 8.42
CA VAL C 102 6.06 -4.03 8.19
C VAL C 102 6.71 -4.93 7.14
N HIS C 103 6.66 -6.24 7.38
CA HIS C 103 7.29 -7.20 6.46
C HIS C 103 6.48 -7.75 5.31
N LEU C 104 5.16 -7.61 5.37
CA LEU C 104 4.28 -8.09 4.31
C LEU C 104 2.86 -7.64 4.54
N PHE C 105 2.16 -7.37 3.44
CA PHE C 105 0.76 -6.96 3.46
C PHE C 105 -0.03 -8.09 2.80
N LEU C 106 -0.94 -8.70 3.54
CA LEU C 106 -1.75 -9.77 3.00
C LEU C 106 -3.17 -9.29 2.71
N PRO C 107 -3.59 -9.37 1.44
CA PRO C 107 -4.94 -8.92 1.11
C PRO C 107 -6.01 -9.89 1.63
N LYS C 108 -7.17 -9.37 1.96
CA LYS C 108 -8.27 -10.21 2.43
C LYS C 108 -9.14 -10.43 1.19
N PRO C 109 -9.71 -11.63 1.03
CA PRO C 109 -9.59 -12.76 1.96
C PRO C 109 -8.19 -13.35 1.92
N ILE C 110 -7.69 -13.68 3.09
CA ILE C 110 -6.35 -14.26 3.24
C ILE C 110 -6.16 -15.56 2.46
N GLU C 111 -5.12 -15.62 1.64
CA GLU C 111 -4.79 -16.83 0.88
C GLU C 111 -3.89 -17.66 1.77
N PRO C 112 -4.39 -18.79 2.29
CA PRO C 112 -3.53 -19.62 3.16
C PRO C 112 -2.17 -19.99 2.57
N GLY C 113 -2.11 -20.35 1.29
CA GLY C 113 -0.83 -20.71 0.70
C GLY C 113 0.21 -19.59 0.72
N ARG C 114 -0.24 -18.37 0.47
CA ARG C 114 0.67 -17.26 0.46
C ARG C 114 1.10 -16.92 1.88
N LEU C 115 0.23 -17.18 2.84
CA LEU C 115 0.49 -16.94 4.24
C LEU C 115 1.52 -17.94 4.76
N GLU C 117 3.74 -19.60 3.01
CA GLU C 117 5.04 -19.39 2.37
C GLU C 117 5.81 -18.32 3.12
N THR C 118 5.10 -17.28 3.55
CA THR C 118 5.74 -16.17 4.26
C THR C 118 6.31 -16.61 5.59
N LEU C 119 5.52 -17.38 6.34
CA LEU C 119 5.96 -17.89 7.62
C LEU C 119 7.16 -18.80 7.43
N GLU C 120 7.17 -19.57 6.35
CA GLU C 120 8.32 -20.43 6.10
C GLU C 120 9.57 -19.58 5.88
N ASP C 121 9.42 -18.48 5.15
CA ASP C 121 10.54 -17.59 4.90
C ASP C 121 11.08 -17.06 6.23
N PHE C 122 10.17 -16.67 7.12
CA PHE C 122 10.59 -16.16 8.42
C PHE C 122 11.33 -17.27 9.16
N ARG C 123 10.87 -18.50 9.00
CA ARG C 123 11.52 -19.64 9.64
C ARG C 123 12.93 -19.81 9.06
N HIS C 124 13.03 -19.80 7.74
CA HIS C 124 14.33 -19.93 7.06
C HIS C 124 15.33 -18.86 7.48
N ILE C 125 14.82 -17.68 7.85
CA ILE C 125 15.67 -16.58 8.28
C ILE C 125 16.06 -16.73 9.75
N LYS C 126 15.07 -17.00 10.61
CA LYS C 126 15.34 -17.17 12.04
C LYS C 126 16.41 -18.22 12.20
N LEU C 127 16.33 -19.24 11.34
CA LEU C 127 17.31 -20.32 11.35
C LEU C 127 18.58 -19.73 10.74
N ALA C 128 18.98 -18.58 11.29
CA ALA C 128 20.15 -17.85 10.84
C ALA C 128 21.39 -18.72 11.00
N LYS C 129 21.49 -19.31 12.19
CA LYS C 129 22.59 -20.18 12.60
C LYS C 129 22.36 -21.66 12.32
N GLU C 130 21.22 -22.17 12.78
CA GLU C 130 20.87 -23.56 12.57
C GLU C 130 20.66 -23.85 11.08
N ALA D 7 -37.02 6.04 8.60
CA ALA D 7 -38.18 5.49 9.37
C ALA D 7 -37.87 4.05 9.78
N LEU D 8 -37.09 3.36 8.96
CA LEU D 8 -36.70 1.97 9.25
C LEU D 8 -35.46 1.98 10.14
N LYS D 9 -35.61 1.55 11.40
CA LYS D 9 -34.47 1.53 12.32
C LYS D 9 -33.69 0.23 12.15
N ILE D 10 -32.38 0.36 11.96
CA ILE D 10 -31.53 -0.80 11.72
C ILE D 10 -30.35 -0.97 12.67
N LEU D 11 -30.12 -2.21 13.09
CA LEU D 11 -29.01 -2.54 13.98
C LEU D 11 -28.10 -3.58 13.33
N ILE D 12 -26.82 -3.26 13.26
CA ILE D 12 -25.79 -4.12 12.69
C ILE D 12 -24.98 -4.70 13.83
N VAL D 13 -24.75 -6.00 13.83
CA VAL D 13 -23.95 -6.63 14.85
C VAL D 13 -22.93 -7.51 14.09
N GLU D 14 -21.70 -7.02 14.04
CA GLU D 14 -20.59 -7.69 13.34
C GLU D 14 -19.31 -7.47 14.14
N ASP D 15 -18.57 -8.54 14.39
CA ASP D 15 -17.34 -8.45 15.17
C ASP D 15 -16.09 -8.05 14.37
N ASP D 16 -16.24 -7.88 13.07
CA ASP D 16 -15.11 -7.46 12.24
C ASP D 16 -15.31 -5.98 11.99
N THR D 17 -14.43 -5.17 12.58
CA THR D 17 -14.50 -3.72 12.45
C THR D 17 -14.69 -3.28 11.01
N ASP D 18 -13.91 -3.86 10.09
CA ASP D 18 -14.01 -3.49 8.69
C ASP D 18 -15.36 -3.85 8.07
N ALA D 19 -15.84 -5.04 8.39
CA ALA D 19 -17.12 -5.49 7.85
C ALA D 19 -18.23 -4.58 8.39
N ARG D 20 -18.21 -4.41 9.70
CA ARG D 20 -19.19 -3.61 10.42
C ARG D 20 -19.32 -2.17 9.92
N GLU D 21 -18.20 -1.46 9.83
CA GLU D 21 -18.21 -0.08 9.38
C GLU D 21 -18.56 0.05 7.90
N TRP D 22 -18.21 -0.96 7.11
CA TRP D 22 -18.55 -0.94 5.69
C TRP D 22 -20.06 -1.05 5.59
N LEU D 23 -20.64 -1.91 6.42
CA LEU D 23 -22.09 -2.10 6.42
C LEU D 23 -22.77 -0.82 6.88
N SER D 24 -22.25 -0.21 7.93
CA SER D 24 -22.83 1.04 8.44
C SER D 24 -22.89 2.08 7.33
N THR D 25 -21.79 2.21 6.60
CA THR D 25 -21.68 3.20 5.55
C THR D 25 -22.66 3.07 4.37
N ILE D 26 -22.65 1.93 3.68
CA ILE D 26 -23.55 1.76 2.55
C ILE D 26 -25.02 1.80 2.98
N ILE D 27 -25.30 1.32 4.18
CA ILE D 27 -26.67 1.34 4.67
C ILE D 27 -27.09 2.76 5.03
N SER D 28 -26.27 3.45 5.81
CA SER D 28 -26.61 4.82 6.20
C SER D 28 -26.75 5.73 4.98
N ASN D 29 -26.22 5.29 3.85
CA ASN D 29 -26.35 6.06 2.62
C ASN D 29 -27.82 6.28 2.33
N HIS D 30 -28.60 5.21 2.49
CA HIS D 30 -30.04 5.27 2.24
C HIS D 30 -30.89 5.24 3.52
N PHE D 31 -30.32 4.74 4.61
CA PHE D 31 -31.06 4.65 5.87
C PHE D 31 -30.43 5.44 7.01
N PRO D 32 -31.12 6.48 7.49
CA PRO D 32 -30.68 7.36 8.57
C PRO D 32 -30.49 6.68 9.93
N GLU D 33 -31.54 5.99 10.39
CA GLU D 33 -31.52 5.33 11.69
C GLU D 33 -30.78 3.98 11.70
N VAL D 34 -29.46 4.04 11.74
CA VAL D 34 -28.65 2.82 11.78
C VAL D 34 -27.70 2.86 12.97
N TRP D 35 -27.53 1.69 13.60
CA TRP D 35 -26.66 1.51 14.76
C TRP D 35 -25.80 0.28 14.53
N SER D 36 -24.63 0.23 15.15
CA SER D 36 -23.75 -0.92 14.96
C SER D 36 -23.06 -1.36 16.25
N ALA D 37 -22.89 -2.67 16.39
CA ALA D 37 -22.25 -3.26 17.55
C ALA D 37 -21.21 -4.29 17.11
N GLY D 38 -20.30 -4.62 18.01
CA GLY D 38 -19.24 -5.57 17.72
C GLY D 38 -19.46 -6.95 18.31
N ASP D 39 -20.31 -7.04 19.32
CA ASP D 39 -20.59 -8.34 19.94
C ASP D 39 -22.05 -8.44 20.34
N GLY D 40 -22.51 -9.65 20.63
CA GLY D 40 -23.91 -9.86 20.99
C GLY D 40 -24.39 -9.06 22.18
N GLU D 41 -23.57 -9.05 23.22
CA GLU D 41 -23.88 -8.32 24.44
C GLU D 41 -24.16 -6.85 24.11
N GLU D 42 -23.25 -6.23 23.38
CA GLU D 42 -23.40 -4.83 22.98
C GLU D 42 -24.67 -4.71 22.14
N GLY D 43 -24.90 -5.71 21.29
CA GLY D 43 -26.06 -5.72 20.41
C GLY D 43 -27.38 -5.78 21.16
N GLU D 44 -27.45 -6.62 22.18
CA GLU D 44 -28.65 -6.73 22.97
C GLU D 44 -28.92 -5.42 23.70
N ARG D 45 -27.85 -4.76 24.13
CA ARG D 45 -27.98 -3.49 24.84
C ARG D 45 -28.54 -2.43 23.89
N LEU D 46 -28.00 -2.37 22.68
CA LEU D 46 -28.50 -1.38 21.72
C LEU D 46 -29.91 -1.73 21.24
N PHE D 47 -30.26 -3.01 21.24
CA PHE D 47 -31.59 -3.36 20.79
C PHE D 47 -32.59 -2.87 21.82
N GLY D 48 -32.19 -2.92 23.09
CA GLY D 48 -33.05 -2.47 24.16
C GLY D 48 -33.25 -0.96 24.19
N LEU D 49 -32.21 -0.21 23.82
CA LEU D 49 -32.28 1.25 23.81
C LEU D 49 -33.05 1.86 22.65
N HIS D 50 -32.81 1.35 21.44
CA HIS D 50 -33.45 1.91 20.25
C HIS D 50 -34.52 1.06 19.58
N ALA D 51 -34.65 -0.20 19.99
CA ALA D 51 -35.66 -1.09 19.40
C ALA D 51 -35.73 -0.95 17.89
N PRO D 52 -34.71 -1.45 17.18
CA PRO D 52 -34.68 -1.37 15.72
C PRO D 52 -35.66 -2.33 15.06
N ASP D 53 -36.07 -1.98 13.85
CA ASP D 53 -37.00 -2.82 13.11
C ASP D 53 -36.26 -4.01 12.50
N VAL D 54 -35.00 -3.78 12.16
CA VAL D 54 -34.19 -4.80 11.52
C VAL D 54 -32.88 -5.08 12.25
N ILE D 55 -32.51 -6.35 12.30
CA ILE D 55 -31.25 -6.76 12.92
C ILE D 55 -30.42 -7.51 11.89
N ILE D 56 -29.22 -7.01 11.64
CA ILE D 56 -28.30 -7.67 10.70
C ILE D 56 -27.21 -8.18 11.61
N THR D 57 -27.07 -9.50 11.71
CA THR D 57 -26.09 -10.04 12.62
C THR D 57 -25.21 -11.21 12.15
N ASP D 58 -24.06 -11.29 12.79
CA ASP D 58 -23.06 -12.33 12.54
C ASP D 58 -23.41 -13.41 13.56
N ILE D 59 -22.83 -14.59 13.45
CA ILE D 59 -23.13 -15.65 14.39
C ILE D 59 -22.09 -15.81 15.48
N ARG D 60 -20.89 -16.28 15.14
CA ARG D 60 -19.85 -16.45 16.15
C ARG D 60 -19.19 -15.11 16.51
N PRO D 62 -17.60 -12.56 20.12
CA PRO D 62 -17.15 -12.55 21.51
C PRO D 62 -18.29 -12.22 22.46
N LYS D 63 -18.12 -12.60 23.72
CA LYS D 63 -19.11 -12.36 24.78
C LYS D 63 -20.43 -13.09 24.59
N LEU D 64 -21.10 -12.84 23.48
CA LEU D 64 -22.39 -13.48 23.23
C LEU D 64 -22.63 -13.65 21.73
N GLY D 65 -22.83 -14.88 21.31
CA GLY D 65 -23.10 -15.16 19.90
C GLY D 65 -24.40 -14.53 19.42
N GLY D 66 -24.54 -14.43 18.10
CA GLY D 66 -25.74 -13.84 17.52
C GLY D 66 -27.00 -14.64 17.75
N LEU D 67 -26.89 -15.96 17.77
CA LEU D 67 -28.06 -16.80 17.99
C LEU D 67 -28.50 -16.65 19.43
N GLU D 68 -27.54 -16.63 20.35
CA GLU D 68 -27.85 -16.46 21.77
C GLU D 68 -28.50 -15.09 21.98
N LEU D 70 -30.25 -13.27 19.61
CA LEU D 70 -31.58 -13.32 19.01
C LEU D 70 -32.56 -14.06 19.91
N ASP D 71 -32.07 -15.11 20.55
CA ASP D 71 -32.87 -15.92 21.45
C ASP D 71 -33.29 -15.12 22.68
N ARG D 72 -32.38 -14.27 23.17
CA ARG D 72 -32.65 -13.43 24.33
C ARG D 72 -33.61 -12.32 23.94
N ILE D 73 -33.41 -11.77 22.74
CA ILE D 73 -34.27 -10.70 22.28
C ILE D 73 -35.70 -11.23 22.10
N LYS D 74 -35.85 -12.38 21.45
CA LYS D 74 -37.16 -12.98 21.22
C LYS D 74 -37.90 -13.32 22.50
N ALA D 75 -37.15 -13.82 23.48
CA ALA D 75 -37.71 -14.19 24.78
C ALA D 75 -38.35 -12.97 25.46
N GLY D 76 -37.97 -11.79 25.01
CA GLY D 76 -38.50 -10.56 25.57
C GLY D 76 -39.77 -10.16 24.88
N GLY D 77 -40.10 -10.85 23.80
CA GLY D 77 -41.32 -10.55 23.06
C GLY D 77 -41.12 -9.70 21.82
N ALA D 78 -39.88 -9.37 21.47
CA ALA D 78 -39.64 -8.54 20.29
C ALA D 78 -39.72 -9.40 19.01
N LYS D 79 -40.11 -8.80 17.90
CA LYS D 79 -40.22 -9.55 16.65
C LYS D 79 -39.70 -8.73 15.47
N PRO D 80 -38.40 -8.42 15.46
CA PRO D 80 -37.80 -7.64 14.37
C PRO D 80 -37.46 -8.49 13.15
N TYR D 81 -37.09 -7.82 12.06
CA TYR D 81 -36.70 -8.54 10.87
C TYR D 81 -35.25 -8.90 11.07
N VAL D 82 -34.91 -10.16 10.83
CA VAL D 82 -33.55 -10.61 11.03
C VAL D 82 -32.80 -11.11 9.80
N ILE D 83 -31.62 -10.55 9.60
CA ILE D 83 -30.73 -10.90 8.52
C ILE D 83 -29.44 -11.44 9.11
N VAL D 84 -29.09 -12.65 8.72
CA VAL D 84 -27.87 -13.28 9.20
C VAL D 84 -26.83 -13.08 8.10
N ILE D 85 -25.71 -12.44 8.44
CA ILE D 85 -24.65 -12.19 7.48
C ILE D 85 -23.46 -13.11 7.68
N SER D 86 -23.74 -14.36 8.00
CA SER D 86 -22.68 -15.31 8.22
C SER D 86 -22.99 -16.62 7.51
N ALA D 87 -21.96 -17.42 7.27
CA ALA D 87 -22.16 -18.71 6.62
C ALA D 87 -21.39 -19.75 7.41
N PHE D 88 -22.10 -20.73 7.93
CA PHE D 88 -21.44 -21.76 8.71
C PHE D 88 -21.50 -23.15 8.09
N SER D 89 -20.86 -24.10 8.79
CA SER D 89 -20.82 -25.49 8.37
C SER D 89 -21.73 -26.27 9.32
N GLU D 90 -22.08 -25.63 10.44
CA GLU D 90 -22.94 -26.22 11.44
C GLU D 90 -24.39 -26.26 10.97
N LYS D 92 -26.62 -27.64 12.64
CA LYS D 92 -27.35 -27.42 13.88
C LYS D 92 -27.54 -25.93 14.10
N TYR D 93 -26.56 -25.15 13.65
CA TYR D 93 -26.61 -23.71 13.80
C TYR D 93 -27.64 -23.11 12.84
N PHE D 94 -27.70 -23.67 11.63
CA PHE D 94 -28.62 -23.20 10.63
C PHE D 94 -30.05 -23.46 11.10
N ILE D 95 -30.30 -24.72 11.50
CA ILE D 95 -31.61 -25.11 11.97
C ILE D 95 -32.03 -24.26 13.15
N LYS D 96 -31.08 -23.94 14.04
CA LYS D 96 -31.39 -23.12 15.20
C LYS D 96 -31.79 -21.74 14.72
N ALA D 97 -31.09 -21.27 13.70
CA ALA D 97 -31.34 -19.95 13.13
C ALA D 97 -32.75 -19.82 12.54
N ILE D 98 -33.12 -20.70 11.63
CA ILE D 98 -34.45 -20.62 11.04
C ILE D 98 -35.51 -21.00 12.08
N GLU D 99 -35.07 -21.67 13.14
CA GLU D 99 -35.97 -22.05 14.21
C GLU D 99 -36.37 -20.72 14.87
N LEU D 100 -35.36 -19.91 15.18
CA LEU D 100 -35.58 -18.62 15.81
C LEU D 100 -36.28 -17.67 14.83
N GLY D 101 -36.20 -17.98 13.54
CA GLY D 101 -36.85 -17.17 12.52
C GLY D 101 -36.00 -16.09 11.88
N VAL D 102 -35.33 -16.43 10.78
CA VAL D 102 -34.50 -15.48 10.07
C VAL D 102 -35.23 -15.16 8.77
N HIS D 103 -35.06 -13.94 8.26
CA HIS D 103 -35.75 -13.54 7.03
C HIS D 103 -34.87 -13.59 5.79
N LEU D 104 -33.57 -13.70 6.01
CA LEU D 104 -32.64 -13.76 4.91
C LEU D 104 -31.26 -14.12 5.41
N PHE D 105 -30.56 -14.90 4.62
CA PHE D 105 -29.22 -15.30 4.92
C PHE D 105 -28.39 -14.63 3.84
N LEU D 106 -27.53 -13.72 4.26
CA LEU D 106 -26.69 -12.98 3.34
C LEU D 106 -25.23 -13.31 3.70
N PRO D 107 -24.78 -14.51 3.34
CA PRO D 107 -23.41 -14.93 3.63
C PRO D 107 -22.36 -14.04 2.98
N LYS D 108 -21.25 -13.84 3.67
CA LYS D 108 -20.17 -12.99 3.19
C LYS D 108 -19.34 -13.78 2.18
N PRO D 109 -18.76 -13.10 1.18
CA PRO D 109 -18.86 -11.65 0.99
C PRO D 109 -20.28 -11.23 0.67
N ILE D 110 -20.71 -10.13 1.28
CA ILE D 110 -22.05 -9.61 1.10
C ILE D 110 -22.25 -8.88 -0.23
N GLU D 111 -23.35 -9.22 -0.91
CA GLU D 111 -23.72 -8.61 -2.20
C GLU D 111 -24.64 -7.42 -1.96
N PRO D 112 -24.06 -6.23 -1.74
CA PRO D 112 -24.78 -4.97 -1.48
C PRO D 112 -26.12 -4.79 -2.18
N GLY D 113 -26.19 -5.19 -3.45
CA GLY D 113 -27.44 -5.06 -4.17
C GLY D 113 -28.57 -5.83 -3.52
N ARG D 114 -28.29 -7.08 -3.14
CA ARG D 114 -29.31 -7.90 -2.50
C ARG D 114 -29.63 -7.37 -1.12
N LEU D 115 -28.62 -6.90 -0.39
CA LEU D 115 -28.83 -6.36 0.95
C LEU D 115 -29.77 -5.16 0.90
N GLU D 117 -31.82 -4.09 -1.60
CA GLU D 117 -33.15 -4.43 -2.10
C GLU D 117 -34.00 -4.95 -0.94
N THR D 118 -33.39 -5.82 -0.12
CA THR D 118 -34.10 -6.41 1.00
C THR D 118 -34.55 -5.39 2.03
N LEU D 119 -33.67 -4.46 2.37
CA LEU D 119 -34.00 -3.43 3.35
C LEU D 119 -35.18 -2.61 2.84
N GLU D 120 -35.16 -2.29 1.54
CA GLU D 120 -36.23 -1.52 0.93
C GLU D 120 -37.54 -2.26 1.16
N ASP D 121 -37.51 -3.58 0.95
CA ASP D 121 -38.69 -4.40 1.17
C ASP D 121 -39.20 -4.32 2.59
N PHE D 122 -38.27 -4.36 3.56
CA PHE D 122 -38.66 -4.29 4.97
C PHE D 122 -39.36 -2.99 5.30
N ARG D 123 -38.91 -1.89 4.69
CA ARG D 123 -39.57 -0.62 4.97
C ARG D 123 -40.89 -0.58 4.24
N HIS D 124 -40.97 -1.12 3.02
CA HIS D 124 -42.25 -1.13 2.31
C HIS D 124 -43.27 -1.78 3.24
N ILE D 125 -42.86 -2.87 3.88
CA ILE D 125 -43.72 -3.60 4.80
C ILE D 125 -44.08 -2.72 5.99
N LYS D 126 -43.08 -2.13 6.64
CA LYS D 126 -43.35 -1.27 7.79
C LYS D 126 -44.31 -0.14 7.44
N LEU D 127 -44.09 0.49 6.30
CA LEU D 127 -44.95 1.57 5.85
C LEU D 127 -46.36 1.04 5.65
N ALA D 128 -46.48 -0.05 4.90
CA ALA D 128 -47.76 -0.67 4.62
C ALA D 128 -48.63 -0.70 5.87
N LYS D 129 -48.10 -1.31 6.93
CA LYS D 129 -48.84 -1.38 8.20
C LYS D 129 -48.25 -0.38 9.19
N GLU D 130 -47.90 0.80 8.72
CA GLU D 130 -47.31 1.92 9.43
C GLU D 130 -46.99 1.55 10.87
#